data_2OL4
#
_entry.id   2OL4
#
_cell.length_a   131.445
_cell.length_b   131.445
_cell.length_c   82.868
_cell.angle_alpha   90.00
_cell.angle_beta   90.00
_cell.angle_gamma   90.00
#
_symmetry.space_group_name_H-M   'P 43 21 2'
#
loop_
_entity.id
_entity.type
_entity.pdbx_description
1 polymer 'Enoyl-acyl carrier reductase'
2 non-polymer NICOTINAMIDE-ADENINE-DINUCLEOTIDE
3 non-polymer 2-(2,4-DICHLOROPHENOXY)-5-(3-PHENYLPROPYL)PHENOL
4 water water
#
_entity_poly.entity_id   1
_entity_poly.type   'polypeptide(L)'
_entity_poly.pdbx_seq_one_letter_code
;MVHHHHHHNEDICFIAGIGDTNGYGWGIAKELSKRNVKIIFGIWPPVYNIFMKNYKNGKFDNDMIIDKDKKMNILDMLPF
DASFDTANDIDEETKNNKRYNMLQNYTIEDVANLIHQKYGKINMLVHSLANAKEVQKDLLNTSRKGYLDALSKSSYSLIS
LCKYFVNIMKPQSSIISLTYHASQKVVPGYGGGMSSAKAALESDTRVLAYHLGRNYNIRINTISAGPLKSRAATAINKLN
NTYENNTNQNKNRNSHDVHNIMNNSGEKEEKKNSASQNYTFIDYAIEYSEKYAPLRQKLLSTDIGSVASFLLSRESRAIT
GQTIYVDNGLNIMFLPDD
;
_entity_poly.pdbx_strand_id   A,B
#
loop_
_chem_comp.id
_chem_comp.type
_chem_comp.name
_chem_comp.formula
JPN non-polymer 2-(2,4-DICHLOROPHENOXY)-5-(3-PHENYLPROPYL)PHENOL 'C21 H18 Cl2 O2'
NAD non-polymer NICOTINAMIDE-ADENINE-DINUCLEOTIDE 'C21 H27 N7 O14 P2'
#
# COMPACT_ATOMS: atom_id res chain seq x y z
N GLU A 10 16.66 -0.27 -17.62
CA GLU A 10 17.64 -0.99 -16.82
C GLU A 10 17.56 -0.62 -15.33
N ASP A 11 16.81 -1.41 -14.58
CA ASP A 11 16.66 -1.19 -13.15
C ASP A 11 17.46 -2.23 -12.38
N ILE A 12 18.10 -1.79 -11.31
CA ILE A 12 18.90 -2.67 -10.49
C ILE A 12 18.52 -2.53 -9.03
N CYS A 13 18.32 -3.69 -8.38
CA CYS A 13 17.94 -3.72 -6.99
C CYS A 13 18.96 -4.48 -6.16
N PHE A 14 19.44 -3.85 -5.09
CA PHE A 14 20.28 -4.55 -4.12
C PHE A 14 19.41 -5.10 -2.99
N ILE A 15 19.48 -6.41 -2.78
CA ILE A 15 18.74 -7.06 -1.71
C ILE A 15 19.70 -7.50 -0.62
N ALA A 16 19.69 -6.78 0.51
CA ALA A 16 20.56 -7.10 1.63
C ALA A 16 19.88 -8.03 2.63
N GLY A 17 20.33 -9.27 2.67
CA GLY A 17 19.83 -10.18 3.69
C GLY A 17 19.09 -11.38 3.11
N ILE A 18 19.84 -12.23 2.45
CA ILE A 18 19.32 -13.50 1.99
C ILE A 18 20.30 -14.58 2.47
N GLY A 19 19.80 -15.79 2.68
CA GLY A 19 20.64 -16.89 3.15
C GLY A 19 20.21 -18.19 2.51
N ASP A 20 19.01 -18.16 1.94
CA ASP A 20 18.45 -19.29 1.22
C ASP A 20 17.29 -18.79 0.37
N THR A 21 16.58 -19.72 -0.27
CA THR A 21 15.44 -19.33 -1.09
C THR A 21 14.13 -19.46 -0.30
N ASN A 22 14.23 -19.50 1.02
CA ASN A 22 13.08 -19.78 1.87
C ASN A 22 12.49 -18.57 2.60
N GLY A 23 13.05 -17.39 2.33
CA GLY A 23 12.65 -16.18 3.03
C GLY A 23 12.03 -15.11 2.14
N TYR A 24 11.80 -13.93 2.70
CA TYR A 24 11.20 -12.83 1.95
C TYR A 24 12.11 -12.29 0.86
N GLY A 25 13.41 -12.22 1.15
CA GLY A 25 14.37 -11.71 0.19
C GLY A 25 14.22 -12.39 -1.16
N TRP A 26 14.11 -13.72 -1.12
CA TRP A 26 13.95 -14.51 -2.35
C TRP A 26 12.64 -14.22 -3.08
N GLY A 27 11.53 -14.22 -2.33
CA GLY A 27 10.23 -13.92 -2.89
C GLY A 27 10.22 -12.55 -3.56
N ILE A 28 10.95 -11.62 -2.97
CA ILE A 28 11.07 -10.27 -3.53
C ILE A 28 11.91 -10.28 -4.81
N ALA A 29 13.01 -11.02 -4.79
CA ALA A 29 13.85 -11.19 -5.99
C ALA A 29 13.04 -11.78 -7.15
N LYS A 30 12.26 -12.82 -6.85
CA LYS A 30 11.45 -13.47 -7.89
C LYS A 30 10.46 -12.50 -8.56
N GLU A 31 9.71 -11.78 -7.75
CA GLU A 31 8.69 -10.86 -8.26
C GLU A 31 9.31 -9.71 -9.05
N LEU A 32 10.39 -9.13 -8.52
CA LEU A 32 11.13 -8.10 -9.23
C LEU A 32 11.61 -8.58 -10.61
N SER A 33 11.99 -9.86 -10.70
CA SER A 33 12.50 -10.41 -11.96
C SER A 33 11.46 -10.38 -13.06
N LYS A 34 10.19 -10.53 -12.69
CA LYS A 34 9.09 -10.40 -13.64
C LYS A 34 9.11 -9.03 -14.32
N ARG A 35 9.49 -8.01 -13.57
CA ARG A 35 9.59 -6.64 -14.09
C ARG A 35 10.92 -6.42 -14.79
N ASN A 36 11.70 -7.48 -14.94
CA ASN A 36 13.03 -7.40 -15.57
C ASN A 36 14.02 -6.57 -14.77
N VAL A 37 13.91 -6.63 -13.45
CA VAL A 37 14.82 -5.92 -12.57
C VAL A 37 16.06 -6.78 -12.35
N LYS A 38 17.24 -6.18 -12.48
CA LYS A 38 18.48 -6.91 -12.24
C LYS A 38 18.72 -6.99 -10.74
N ILE A 39 19.04 -8.19 -10.25
CA ILE A 39 19.14 -8.41 -8.81
C ILE A 39 20.58 -8.58 -8.36
N ILE A 40 20.95 -7.90 -7.28
CA ILE A 40 22.21 -8.16 -6.59
C ILE A 40 21.90 -8.60 -5.16
N PHE A 41 22.47 -9.74 -4.75
CA PHE A 41 22.25 -10.24 -3.39
C PHE A 41 23.38 -9.85 -2.45
N GLY A 42 23.02 -9.39 -1.27
CA GLY A 42 23.96 -9.16 -0.19
C GLY A 42 23.77 -10.27 0.81
N ILE A 43 24.84 -10.99 1.10
CA ILE A 43 24.72 -12.21 1.90
C ILE A 43 25.67 -12.19 3.08
N TRP A 44 25.11 -12.48 4.25
CA TRP A 44 25.86 -12.54 5.50
C TRP A 44 27.08 -13.44 5.32
N PRO A 45 28.29 -12.89 5.50
CA PRO A 45 29.53 -13.61 5.21
C PRO A 45 29.59 -15.06 5.75
N PRO A 46 29.15 -15.30 7.00
CA PRO A 46 29.21 -16.65 7.57
C PRO A 46 28.43 -17.71 6.80
N VAL A 47 27.55 -17.31 5.90
CA VAL A 47 26.84 -18.26 5.06
C VAL A 47 27.04 -17.95 3.57
N TYR A 48 27.97 -17.06 3.27
CA TYR A 48 28.20 -16.68 1.88
C TYR A 48 28.69 -17.87 1.05
N ASN A 49 29.73 -18.54 1.54
CA ASN A 49 30.31 -19.65 0.79
C ASN A 49 29.32 -20.81 0.60
N ILE A 50 28.63 -21.20 1.67
CA ILE A 50 27.58 -22.20 1.56
C ILE A 50 26.58 -21.83 0.48
N PHE A 51 26.16 -20.57 0.49
CA PHE A 51 25.18 -20.08 -0.48
C PHE A 51 25.71 -20.21 -1.90
N MET A 52 26.96 -19.79 -2.11
CA MET A 52 27.59 -19.89 -3.42
C MET A 52 27.67 -21.33 -3.88
N LYS A 53 27.99 -22.23 -2.95
CA LYS A 53 28.11 -23.65 -3.27
C LYS A 53 26.78 -24.20 -3.74
N ASN A 54 25.75 -24.03 -2.93
CA ASN A 54 24.40 -24.46 -3.28
C ASN A 54 23.96 -23.91 -4.63
N TYR A 55 24.26 -22.63 -4.85
CA TYR A 55 23.91 -21.98 -6.11
C TYR A 55 24.61 -22.66 -7.27
N LYS A 56 25.89 -22.96 -7.08
CA LYS A 56 26.71 -23.62 -8.08
C LYS A 56 26.20 -25.04 -8.33
N ASN A 57 25.94 -25.76 -7.24
CA ASN A 57 25.41 -27.13 -7.31
C ASN A 57 23.97 -27.20 -7.80
N GLY A 58 23.45 -26.07 -8.28
CA GLY A 58 22.14 -26.02 -8.89
C GLY A 58 20.94 -26.18 -7.96
N LYS A 59 21.18 -26.15 -6.65
CA LYS A 59 20.12 -26.33 -5.66
C LYS A 59 18.99 -25.30 -5.79
N PHE A 60 19.29 -24.16 -6.40
CA PHE A 60 18.31 -23.07 -6.52
C PHE A 60 17.69 -22.94 -7.91
N ASP A 61 18.06 -23.83 -8.84
CA ASP A 61 17.61 -23.73 -10.22
C ASP A 61 16.09 -23.71 -10.36
N ASN A 62 15.41 -24.64 -9.69
CA ASN A 62 13.96 -24.67 -9.69
C ASN A 62 13.38 -23.39 -9.09
N ASP A 63 14.04 -22.88 -8.07
CA ASP A 63 13.58 -21.68 -7.38
C ASP A 63 13.75 -20.43 -8.24
N MET A 64 14.60 -20.50 -9.25
CA MET A 64 14.94 -19.33 -10.05
C MET A 64 14.05 -19.12 -11.28
N ILE A 65 13.22 -20.11 -11.61
CA ILE A 65 12.39 -20.02 -12.81
C ILE A 65 11.19 -19.10 -12.59
N ILE A 66 10.95 -18.22 -13.56
CA ILE A 66 10.01 -17.12 -13.36
C ILE A 66 8.66 -17.25 -14.07
N ASP A 69 8.55 -18.76 -18.43
CA ASP A 69 9.73 -19.15 -19.17
C ASP A 69 10.79 -18.05 -19.14
N LYS A 70 11.16 -17.67 -17.93
CA LYS A 70 12.08 -16.58 -17.69
C LYS A 70 13.01 -16.99 -16.56
N LYS A 71 14.30 -16.76 -16.72
CA LYS A 71 15.26 -17.05 -15.66
C LYS A 71 15.40 -15.81 -14.78
N MET A 72 15.50 -16.01 -13.47
CA MET A 72 15.85 -14.89 -12.61
C MET A 72 17.24 -14.40 -13.02
N ASN A 73 17.35 -13.11 -13.32
CA ASN A 73 18.62 -12.54 -13.71
C ASN A 73 19.39 -12.00 -12.52
N ILE A 74 20.18 -12.88 -11.89
CA ILE A 74 21.03 -12.48 -10.78
C ILE A 74 22.35 -11.88 -11.27
N LEU A 75 22.43 -10.56 -11.19
CA LEU A 75 23.60 -9.82 -11.64
C LEU A 75 24.84 -10.10 -10.77
N ASP A 76 24.66 -10.23 -9.46
CA ASP A 76 25.82 -10.53 -8.59
C ASP A 76 25.39 -10.99 -7.20
N MET A 77 26.32 -11.63 -6.50
CA MET A 77 26.10 -12.08 -5.14
C MET A 77 27.35 -11.73 -4.34
N LEU A 78 27.17 -10.89 -3.32
CA LEU A 78 28.29 -10.35 -2.59
C LEU A 78 28.14 -10.59 -1.11
N PRO A 79 29.27 -10.82 -0.42
CA PRO A 79 29.26 -10.92 1.03
C PRO A 79 28.87 -9.55 1.60
N PHE A 80 28.05 -9.53 2.63
CA PHE A 80 27.51 -8.28 3.14
C PHE A 80 27.19 -8.43 4.61
N ASP A 81 27.83 -7.61 5.44
CA ASP A 81 27.57 -7.63 6.88
C ASP A 81 26.97 -6.32 7.41
N ALA A 82 25.73 -6.39 7.87
CA ALA A 82 24.97 -5.22 8.31
C ALA A 82 25.45 -4.62 9.63
N SER A 83 26.31 -5.32 10.34
CA SER A 83 26.81 -4.78 11.60
C SER A 83 28.06 -3.91 11.48
N PHE A 84 28.69 -3.88 10.29
CA PHE A 84 29.85 -3.02 10.05
C PHE A 84 29.56 -1.95 9.00
N ASP A 85 29.81 -0.70 9.36
CA ASP A 85 29.51 0.43 8.48
C ASP A 85 30.62 0.66 7.46
N THR A 86 31.87 0.64 7.92
CA THR A 86 33.01 0.84 7.03
C THR A 86 34.14 -0.09 7.40
N ALA A 87 35.18 -0.11 6.58
CA ALA A 87 36.35 -0.93 6.85
C ALA A 87 36.89 -0.64 8.25
N ASN A 88 36.75 0.61 8.67
CA ASN A 88 37.20 1.05 9.99
C ASN A 88 36.59 0.32 11.19
N ASP A 89 35.41 -0.28 11.00
CA ASP A 89 34.68 -0.87 12.13
C ASP A 89 34.99 -2.35 12.37
N ILE A 90 35.76 -2.97 11.48
CA ILE A 90 36.04 -4.41 11.61
C ILE A 90 36.99 -4.73 12.76
N ASP A 91 36.44 -5.40 13.79
CA ASP A 91 37.21 -5.81 14.95
C ASP A 91 38.10 -7.02 14.64
N GLU A 92 39.25 -7.09 15.31
CA GLU A 92 40.28 -8.09 15.01
C GLU A 92 39.82 -9.53 15.15
N GLU A 93 38.80 -9.75 15.99
CA GLU A 93 38.31 -11.10 16.23
C GLU A 93 37.58 -11.66 15.00
N THR A 94 36.94 -10.78 14.24
CA THR A 94 36.30 -11.18 12.99
C THR A 94 37.32 -11.19 11.85
N LYS A 95 38.32 -10.31 11.94
CA LYS A 95 39.41 -10.30 10.97
C LYS A 95 40.11 -11.66 10.98
N ASN A 96 40.42 -12.13 12.18
CA ASN A 96 40.99 -13.46 12.37
C ASN A 96 40.00 -14.56 11.99
N ASN A 97 38.71 -14.28 12.18
CA ASN A 97 37.68 -15.30 12.05
C ASN A 97 37.78 -16.13 10.78
N LYS A 98 37.56 -17.43 10.95
CA LYS A 98 37.60 -18.39 9.85
C LYS A 98 36.90 -17.88 8.60
N ARG A 99 35.57 -17.85 8.64
CA ARG A 99 34.76 -17.46 7.49
C ARG A 99 35.17 -16.13 6.86
N TYR A 100 35.22 -15.08 7.68
CA TYR A 100 35.55 -13.73 7.18
C TYR A 100 36.95 -13.64 6.56
N ASN A 101 37.88 -14.42 7.08
CA ASN A 101 39.28 -14.34 6.67
C ASN A 101 39.47 -14.38 5.15
N MET A 102 38.68 -15.21 4.47
CA MET A 102 38.83 -15.38 3.03
C MET A 102 37.85 -14.52 2.22
N LEU A 103 37.23 -13.53 2.87
CA LEU A 103 36.34 -12.61 2.17
C LEU A 103 36.76 -11.17 2.43
N GLN A 104 36.38 -10.27 1.52
CA GLN A 104 36.81 -8.87 1.63
C GLN A 104 35.70 -7.90 1.18
N ASN A 105 35.80 -6.65 1.62
CA ASN A 105 34.87 -5.60 1.18
C ASN A 105 33.40 -5.91 1.48
N TYR A 106 33.13 -6.38 2.68
CA TYR A 106 31.78 -6.79 3.03
C TYR A 106 31.06 -5.83 3.98
N THR A 107 31.71 -4.70 4.32
CA THR A 107 31.07 -3.70 5.15
C THR A 107 30.06 -2.93 4.31
N ILE A 108 29.12 -2.26 4.96
CA ILE A 108 28.06 -1.55 4.25
C ILE A 108 28.60 -0.57 3.21
N GLU A 109 29.55 0.28 3.61
CA GLU A 109 30.15 1.22 2.66
C GLU A 109 30.98 0.53 1.57
N ASP A 110 31.72 -0.50 1.94
CA ASP A 110 32.50 -1.27 0.97
C ASP A 110 31.61 -1.86 -0.13
N VAL A 111 30.47 -2.43 0.25
CA VAL A 111 29.57 -3.04 -0.73
C VAL A 111 28.95 -2.01 -1.67
N ALA A 112 28.60 -0.84 -1.15
CA ALA A 112 28.06 0.22 -1.98
C ALA A 112 29.10 0.66 -3.02
N ASN A 113 30.35 0.81 -2.59
CA ASN A 113 31.44 1.16 -3.50
C ASN A 113 31.67 0.10 -4.60
N LEU A 114 31.73 -1.16 -4.20
CA LEU A 114 31.83 -2.28 -5.15
C LEU A 114 30.73 -2.23 -6.21
N ILE A 115 29.48 -2.18 -5.75
CA ILE A 115 28.33 -2.20 -6.65
C ILE A 115 28.38 -1.03 -7.61
N HIS A 116 28.64 0.15 -7.07
CA HIS A 116 28.71 1.37 -7.85
C HIS A 116 29.80 1.26 -8.92
N GLN A 117 30.94 0.71 -8.52
CA GLN A 117 32.09 0.57 -9.39
C GLN A 117 31.76 -0.41 -10.52
N LYS A 118 31.32 -1.60 -10.15
CA LYS A 118 31.05 -2.64 -11.12
C LYS A 118 29.88 -2.34 -12.04
N TYR A 119 28.82 -1.73 -11.49
CA TYR A 119 27.56 -1.66 -12.24
C TYR A 119 26.95 -0.27 -12.36
N GLY A 120 27.52 0.71 -11.69
CA GLY A 120 26.96 2.04 -11.71
C GLY A 120 25.86 2.23 -10.68
N LYS A 121 25.02 3.23 -10.89
CA LYS A 121 23.98 3.56 -9.93
C LYS A 121 22.79 2.62 -10.02
N ILE A 122 22.18 2.35 -8.87
CA ILE A 122 21.01 1.50 -8.80
C ILE A 122 19.80 2.36 -8.46
N ASN A 123 18.61 1.78 -8.47
CA ASN A 123 17.43 2.55 -8.10
C ASN A 123 16.45 1.85 -7.19
N MET A 124 16.80 0.64 -6.74
CA MET A 124 15.99 -0.09 -5.79
C MET A 124 16.86 -0.71 -4.70
N LEU A 125 16.40 -0.59 -3.46
CA LEU A 125 17.13 -1.08 -2.31
C LEU A 125 16.17 -1.84 -1.40
N VAL A 126 16.55 -3.05 -1.03
CA VAL A 126 15.73 -3.84 -0.11
C VAL A 126 16.53 -4.19 1.14
N HIS A 127 16.03 -3.75 2.30
CA HIS A 127 16.58 -4.16 3.59
C HIS A 127 15.75 -5.34 4.09
N SER A 128 16.35 -6.52 4.12
CA SER A 128 15.59 -7.74 4.44
C SER A 128 16.36 -8.58 5.44
N LEU A 129 16.65 -8.01 6.59
CA LEU A 129 17.49 -8.73 7.53
C LEU A 129 17.14 -8.39 8.97
N ALA A 130 17.20 -9.41 9.81
CA ALA A 130 17.00 -9.22 11.23
C ALA A 130 17.87 -10.23 11.98
N ASN A 131 18.41 -9.80 13.11
CA ASN A 131 19.14 -10.70 13.98
C ASN A 131 19.08 -10.20 15.41
N ALA A 132 18.80 -11.11 16.32
CA ALA A 132 18.85 -10.83 17.74
C ALA A 132 19.44 -12.06 18.42
N LYS A 133 20.61 -11.90 19.03
CA LYS A 133 21.30 -13.02 19.67
C LYS A 133 20.52 -13.63 20.83
N GLU A 134 19.58 -12.88 21.40
CA GLU A 134 18.78 -13.37 22.53
C GLU A 134 17.30 -13.45 22.20
N VAL A 135 16.97 -13.62 20.92
CA VAL A 135 15.57 -13.64 20.47
C VAL A 135 14.72 -14.65 21.25
N GLN A 136 15.37 -15.62 21.87
CA GLN A 136 14.67 -16.65 22.64
C GLN A 136 14.26 -16.20 24.05
N LYS A 137 14.98 -15.23 24.60
CA LYS A 137 14.63 -14.71 25.92
C LYS A 137 13.55 -13.65 25.77
N ASP A 138 12.64 -13.57 26.72
CA ASP A 138 11.66 -12.49 26.66
C ASP A 138 12.34 -11.16 27.04
N LEU A 139 11.67 -10.05 26.73
CA LEU A 139 12.25 -8.71 26.80
C LEU A 139 12.85 -8.43 28.17
N LEU A 140 12.10 -8.77 29.21
CA LEU A 140 12.48 -8.49 30.59
C LEU A 140 13.78 -9.20 30.95
N ASN A 141 14.06 -10.31 30.28
CA ASN A 141 15.27 -11.10 30.55
C ASN A 141 16.35 -10.93 29.49
N THR A 142 16.20 -9.95 28.62
CA THR A 142 17.21 -9.67 27.60
C THR A 142 18.31 -8.77 28.17
N SER A 143 19.56 -9.11 27.89
CA SER A 143 20.69 -8.32 28.36
C SER A 143 20.85 -7.03 27.55
N ARG A 144 21.57 -6.06 28.11
CA ARG A 144 21.85 -4.81 27.40
C ARG A 144 22.57 -5.13 26.09
N LYS A 145 23.52 -6.06 26.17
CA LYS A 145 24.27 -6.50 25.01
C LYS A 145 23.36 -7.11 23.95
N GLY A 146 22.45 -7.97 24.37
CA GLY A 146 21.52 -8.62 23.45
C GLY A 146 20.55 -7.66 22.79
N TYR A 147 20.04 -6.72 23.59
CA TYR A 147 19.12 -5.69 23.13
C TYR A 147 19.77 -4.80 22.05
N LEU A 148 20.91 -4.21 22.39
CA LEU A 148 21.63 -3.33 21.46
C LEU A 148 22.10 -4.06 20.20
N ASP A 149 22.45 -5.33 20.33
CA ASP A 149 22.79 -6.13 19.16
C ASP A 149 21.61 -6.24 18.21
N ALA A 150 20.43 -6.47 18.80
CA ALA A 150 19.18 -6.52 18.04
C ALA A 150 18.94 -5.20 17.31
N LEU A 151 19.09 -4.09 18.01
CA LEU A 151 18.88 -2.77 17.42
C LEU A 151 19.91 -2.46 16.35
N SER A 152 21.15 -2.89 16.60
CA SER A 152 22.26 -2.60 15.71
C SER A 152 22.06 -3.30 14.38
N LYS A 153 21.77 -4.59 14.46
CA LYS A 153 21.64 -5.40 13.26
C LYS A 153 20.32 -5.18 12.53
N SER A 154 19.24 -4.94 13.27
CA SER A 154 17.91 -4.94 12.67
C SER A 154 17.37 -3.54 12.37
N SER A 155 17.90 -2.53 13.04
CA SER A 155 17.35 -1.18 12.93
C SER A 155 18.36 -0.18 12.40
N TYR A 156 19.47 -0.01 13.12
CA TYR A 156 20.47 0.94 12.65
C TYR A 156 21.01 0.55 11.27
N SER A 157 21.10 -0.74 10.99
CA SER A 157 21.55 -1.21 9.69
C SER A 157 20.75 -0.56 8.57
N LEU A 158 19.46 -0.33 8.79
CA LEU A 158 18.65 0.33 7.77
C LEU A 158 19.13 1.76 7.52
N ILE A 159 19.37 2.50 8.60
CA ILE A 159 19.84 3.87 8.50
C ILE A 159 21.19 3.93 7.78
N SER A 160 22.10 3.05 8.17
CA SER A 160 23.43 3.03 7.59
C SER A 160 23.38 2.62 6.11
N LEU A 161 22.48 1.69 5.79
CA LEU A 161 22.26 1.29 4.41
C LEU A 161 21.86 2.52 3.58
N CYS A 162 20.95 3.33 4.13
CA CYS A 162 20.47 4.51 3.41
C CYS A 162 21.58 5.54 3.32
N LYS A 163 22.27 5.75 4.44
CA LYS A 163 23.37 6.69 4.48
C LYS A 163 24.34 6.43 3.33
N TYR A 164 24.77 5.18 3.19
CA TYR A 164 25.79 4.82 2.20
C TYR A 164 25.30 4.52 0.77
N PHE A 165 24.08 4.04 0.62
CA PHE A 165 23.62 3.71 -0.72
C PHE A 165 22.97 4.86 -1.46
N VAL A 166 22.62 5.92 -0.74
CA VAL A 166 21.93 7.04 -1.35
C VAL A 166 22.81 7.72 -2.41
N ASN A 167 24.11 7.79 -2.13
CA ASN A 167 25.07 8.35 -3.07
C ASN A 167 25.20 7.56 -4.37
N ILE A 168 24.79 6.29 -4.36
CA ILE A 168 24.86 5.45 -5.56
C ILE A 168 23.48 5.13 -6.12
N MET A 169 22.49 5.94 -5.79
CA MET A 169 21.15 5.72 -6.29
C MET A 169 20.65 6.88 -7.17
N LYS A 170 19.84 6.56 -8.17
CA LYS A 170 19.26 7.59 -9.02
C LYS A 170 18.15 8.34 -8.27
N PRO A 171 17.82 9.55 -8.73
CA PRO A 171 16.68 10.24 -8.15
C PRO A 171 15.41 9.45 -8.42
N GLN A 172 14.36 9.69 -7.63
CA GLN A 172 13.17 8.83 -7.60
C GLN A 172 13.46 7.35 -7.37
N SER A 173 14.56 7.05 -6.70
CA SER A 173 14.81 5.68 -6.27
C SER A 173 13.84 5.32 -5.14
N SER A 174 13.80 4.05 -4.78
CA SER A 174 12.88 3.59 -3.76
C SER A 174 13.51 2.52 -2.87
N ILE A 175 13.11 2.53 -1.60
CA ILE A 175 13.70 1.65 -0.59
C ILE A 175 12.59 1.00 0.25
N ILE A 176 12.77 -0.27 0.56
CA ILE A 176 11.87 -0.92 1.49
C ILE A 176 12.61 -1.78 2.50
N SER A 177 11.96 -1.99 3.65
CA SER A 177 12.44 -2.95 4.62
C SER A 177 11.27 -3.85 5.04
N LEU A 178 11.57 -4.82 5.90
CA LEU A 178 10.57 -5.77 6.39
C LEU A 178 10.40 -5.65 7.89
N THR A 179 9.16 -5.60 8.34
CA THR A 179 8.89 -5.44 9.76
C THR A 179 7.81 -6.42 10.18
N TYR A 180 7.45 -6.37 11.46
CA TYR A 180 6.50 -7.32 12.00
C TYR A 180 5.69 -6.62 13.11
N HIS A 181 4.43 -7.02 13.21
CA HIS A 181 3.40 -6.35 14.03
C HIS A 181 3.67 -6.40 15.54
N ALA A 182 4.61 -7.25 15.96
CA ALA A 182 5.02 -7.30 17.37
C ALA A 182 5.50 -5.91 17.86
N SER A 183 5.91 -5.05 16.93
CA SER A 183 6.28 -3.68 17.25
C SER A 183 5.10 -2.90 17.86
N GLN A 184 3.90 -3.21 17.38
CA GLN A 184 2.69 -2.42 17.70
C GLN A 184 1.77 -3.13 18.70
N LYS A 185 1.78 -4.46 18.69
CA LYS A 185 0.96 -5.26 19.59
C LYS A 185 1.77 -6.43 20.14
N VAL A 186 1.42 -6.86 21.33
CA VAL A 186 2.24 -7.86 22.04
C VAL A 186 2.17 -9.25 21.42
N VAL A 187 3.34 -9.77 21.11
CA VAL A 187 3.52 -11.15 20.67
C VAL A 187 4.52 -11.81 21.61
N PRO A 188 4.02 -12.48 22.66
CA PRO A 188 4.92 -13.20 23.57
C PRO A 188 5.71 -14.23 22.77
N GLY A 189 7.01 -14.30 22.99
CA GLY A 189 7.84 -15.23 22.24
C GLY A 189 8.71 -14.55 21.19
N TYR A 190 8.31 -13.37 20.75
CA TYR A 190 9.12 -12.57 19.84
C TYR A 190 10.03 -11.69 20.71
N GLY A 191 11.05 -12.32 21.30
CA GLY A 191 11.87 -11.66 22.31
C GLY A 191 13.20 -11.08 21.86
N GLY A 192 14.07 -10.84 22.84
CA GLY A 192 15.42 -10.39 22.59
C GLY A 192 15.54 -8.96 22.12
N GLY A 193 14.43 -8.22 22.15
CA GLY A 193 14.44 -6.85 21.65
C GLY A 193 14.16 -6.76 20.17
N MET A 194 13.73 -7.86 19.56
CA MET A 194 13.29 -7.85 18.16
C MET A 194 12.04 -6.98 17.98
N SER A 195 11.13 -7.05 18.94
CA SER A 195 9.96 -6.17 18.95
C SER A 195 10.40 -4.70 19.03
N SER A 196 11.37 -4.43 19.92
CA SER A 196 11.89 -3.07 20.09
C SER A 196 12.55 -2.61 18.79
N ALA A 197 13.28 -3.51 18.16
CA ALA A 197 13.98 -3.22 16.93
C ALA A 197 13.01 -2.87 15.80
N LYS A 198 11.90 -3.61 15.72
CA LYS A 198 10.89 -3.38 14.70
C LYS A 198 10.16 -2.03 14.90
N ALA A 199 9.88 -1.72 16.16
CA ALA A 199 9.25 -0.45 16.50
C ALA A 199 10.15 0.71 16.09
N ALA A 200 11.45 0.59 16.36
CA ALA A 200 12.41 1.63 15.97
C ALA A 200 12.50 1.72 14.46
N LEU A 201 12.45 0.57 13.79
CA LEU A 201 12.56 0.53 12.34
C LEU A 201 11.38 1.22 11.66
N GLU A 202 10.19 1.03 12.20
CA GLU A 202 8.99 1.62 11.63
C GLU A 202 8.97 3.14 11.86
N SER A 203 9.47 3.56 13.02
CA SER A 203 9.59 4.98 13.33
C SER A 203 10.66 5.62 12.44
N ASP A 204 11.79 4.94 12.31
CA ASP A 204 12.91 5.44 11.52
C ASP A 204 12.49 5.55 10.06
N THR A 205 11.58 4.68 9.62
CA THR A 205 11.11 4.71 8.25
C THR A 205 10.44 6.04 7.94
N ARG A 206 9.69 6.56 8.92
CA ARG A 206 9.09 7.89 8.78
C ARG A 206 10.14 8.99 8.77
N VAL A 207 11.04 8.96 9.74
CA VAL A 207 12.05 10.02 9.82
C VAL A 207 12.93 10.03 8.55
N LEU A 208 13.33 8.83 8.12
CA LEU A 208 14.10 8.68 6.89
C LEU A 208 13.34 9.15 5.65
N ALA A 209 12.04 8.86 5.62
CA ALA A 209 11.20 9.28 4.49
C ALA A 209 11.20 10.80 4.32
N TYR A 210 11.15 11.52 5.43
CA TYR A 210 11.24 12.98 5.40
C TYR A 210 12.58 13.46 4.82
N HIS A 211 13.70 13.01 5.42
CA HIS A 211 15.03 13.41 4.95
C HIS A 211 15.29 13.01 3.50
N LEU A 212 15.09 11.74 3.18
CA LEU A 212 15.35 11.25 1.83
C LEU A 212 14.41 11.86 0.81
N GLY A 213 13.18 12.13 1.24
CA GLY A 213 12.19 12.70 0.35
C GLY A 213 12.53 14.13 -0.02
N ARG A 214 12.87 14.93 1.00
CA ARG A 214 13.15 16.35 0.78
C ARG A 214 14.51 16.57 0.12
N ASN A 215 15.52 15.81 0.55
CA ASN A 215 16.87 16.02 0.09
C ASN A 215 17.26 15.27 -1.19
N TYR A 216 16.59 14.16 -1.48
CA TYR A 216 16.97 13.38 -2.65
C TYR A 216 15.80 12.93 -3.51
N ASN A 217 14.59 13.25 -3.08
CA ASN A 217 13.41 12.73 -3.76
C ASN A 217 13.45 11.21 -3.84
N ILE A 218 13.91 10.58 -2.77
CA ILE A 218 13.91 9.12 -2.67
C ILE A 218 12.87 8.70 -1.66
N ARG A 219 12.17 7.60 -1.96
CA ARG A 219 11.10 7.13 -1.08
C ARG A 219 11.55 5.94 -0.25
N ILE A 220 10.94 5.79 0.92
CA ILE A 220 11.21 4.64 1.75
C ILE A 220 9.95 4.22 2.51
N ASN A 221 9.70 2.91 2.54
CA ASN A 221 8.53 2.35 3.18
C ASN A 221 8.94 1.01 3.79
N THR A 222 8.06 0.43 4.58
CA THR A 222 8.36 -0.87 5.16
C THR A 222 7.13 -1.78 5.02
N ILE A 223 7.38 -3.07 4.85
CA ILE A 223 6.30 -4.03 4.73
C ILE A 223 6.18 -4.84 6.02
N SER A 224 5.04 -4.74 6.70
CA SER A 224 4.78 -5.58 7.84
C SER A 224 4.18 -6.90 7.36
N ALA A 225 4.99 -7.96 7.40
CA ALA A 225 4.65 -9.25 6.82
C ALA A 225 4.08 -10.23 7.83
N GLY A 226 3.21 -11.12 7.36
CA GLY A 226 2.70 -12.18 8.19
C GLY A 226 3.76 -13.27 8.23
N PRO A 227 3.49 -14.36 8.96
CA PRO A 227 4.52 -15.37 9.19
C PRO A 227 4.79 -16.22 7.94
N LEU A 228 6.07 -16.53 7.74
CA LEU A 228 6.56 -17.44 6.70
C LEU A 228 7.48 -18.40 7.41
N LYS A 229 7.37 -19.70 7.12
CA LYS A 229 8.35 -20.63 7.69
C LYS A 229 9.68 -20.46 6.98
N SER A 230 10.56 -19.64 7.56
CA SER A 230 11.86 -19.37 6.97
C SER A 230 12.99 -19.65 7.96
N THR A 280 9.40 -23.70 15.75
CA THR A 280 8.89 -23.41 17.08
C THR A 280 7.66 -22.51 17.00
N PHE A 281 7.82 -21.28 17.46
CA PHE A 281 6.75 -20.30 17.52
C PHE A 281 6.24 -19.92 16.13
N ILE A 282 7.09 -20.06 15.12
CA ILE A 282 6.71 -19.74 13.76
C ILE A 282 5.58 -20.66 13.32
N ASP A 283 5.62 -21.90 13.80
CA ASP A 283 4.58 -22.87 13.47
C ASP A 283 3.26 -22.46 14.11
N TYR A 284 3.33 -21.92 15.32
CA TYR A 284 2.14 -21.38 15.97
C TYR A 284 1.59 -20.21 15.16
N ALA A 285 2.45 -19.23 14.88
CA ALA A 285 2.05 -18.01 14.19
C ALA A 285 1.34 -18.33 12.88
N ILE A 286 1.95 -19.21 12.08
CA ILE A 286 1.41 -19.61 10.79
C ILE A 286 0.05 -20.29 10.92
N GLU A 287 -0.06 -21.19 11.91
CA GLU A 287 -1.31 -21.88 12.14
C GLU A 287 -2.42 -20.92 12.57
N TYR A 288 -2.10 -20.09 13.55
CA TYR A 288 -3.05 -19.10 14.05
C TYR A 288 -3.49 -18.16 12.95
N SER A 289 -2.51 -17.66 12.18
CA SER A 289 -2.79 -16.80 11.05
C SER A 289 -3.76 -17.44 10.06
N GLU A 290 -3.50 -18.69 9.70
CA GLU A 290 -4.32 -19.41 8.73
C GLU A 290 -5.71 -19.77 9.27
N LYS A 291 -5.83 -19.81 10.58
CA LYS A 291 -7.13 -20.03 11.19
C LYS A 291 -7.95 -18.74 11.26
N TYR A 292 -7.31 -17.65 11.68
CA TYR A 292 -8.04 -16.44 12.06
C TYR A 292 -7.92 -15.23 11.12
N ALA A 293 -6.97 -15.24 10.20
CA ALA A 293 -6.86 -14.12 9.26
C ALA A 293 -8.12 -14.03 8.38
N PRO A 294 -8.52 -12.80 8.03
CA PRO A 294 -9.63 -12.55 7.08
C PRO A 294 -9.49 -13.37 5.80
N LEU A 295 -8.27 -13.49 5.26
CA LEU A 295 -8.06 -14.23 4.03
C LEU A 295 -7.44 -15.61 4.33
N ARG A 296 -8.11 -16.66 3.84
CA ARG A 296 -7.74 -18.06 4.14
C ARG A 296 -6.51 -18.59 3.40
N GLN A 297 -6.20 -18.05 2.23
CA GLN A 297 -5.10 -18.60 1.45
C GLN A 297 -3.80 -18.60 2.24
N LYS A 298 -2.86 -19.47 1.84
CA LYS A 298 -1.55 -19.50 2.46
C LYS A 298 -0.79 -18.25 2.05
N LEU A 299 -0.12 -17.62 3.00
CA LEU A 299 0.71 -16.45 2.71
C LEU A 299 2.01 -16.91 2.11
N LEU A 300 2.30 -16.42 0.91
CA LEU A 300 3.49 -16.85 0.18
C LEU A 300 4.55 -15.75 0.20
N SER A 301 5.81 -16.15 0.08
CA SER A 301 6.89 -15.19 0.12
C SER A 301 6.74 -14.24 -1.07
N THR A 302 6.11 -14.73 -2.14
CA THR A 302 5.82 -13.91 -3.32
C THR A 302 4.60 -13.00 -3.16
N ASP A 303 3.81 -13.21 -2.11
CA ASP A 303 2.76 -12.25 -1.78
C ASP A 303 3.42 -10.97 -1.28
N ILE A 304 4.45 -11.13 -0.45
CA ILE A 304 5.26 -10.00 -0.04
C ILE A 304 6.05 -9.46 -1.25
N GLY A 305 6.51 -10.37 -2.11
CA GLY A 305 7.28 -9.99 -3.27
C GLY A 305 6.59 -9.03 -4.22
N SER A 306 5.35 -9.34 -4.58
CA SER A 306 4.58 -8.49 -5.47
C SER A 306 4.25 -7.12 -4.86
N VAL A 307 4.01 -7.09 -3.55
CA VAL A 307 3.83 -5.81 -2.87
C VAL A 307 5.15 -5.00 -2.90
N ALA A 308 6.26 -5.69 -2.66
CA ALA A 308 7.57 -5.05 -2.64
C ALA A 308 7.85 -4.46 -4.01
N SER A 309 7.57 -5.25 -5.04
CA SER A 309 7.80 -4.83 -6.42
C SER A 309 7.07 -3.54 -6.71
N PHE A 310 5.82 -3.46 -6.27
CA PHE A 310 5.01 -2.26 -6.49
C PHE A 310 5.54 -1.06 -5.71
N LEU A 311 5.95 -1.27 -4.46
CA LEU A 311 6.48 -0.17 -3.64
C LEU A 311 7.81 0.34 -4.19
N LEU A 312 8.54 -0.55 -4.86
CA LEU A 312 9.83 -0.18 -5.42
C LEU A 312 9.69 0.48 -6.79
N SER A 313 8.49 0.39 -7.37
CA SER A 313 8.26 0.95 -8.70
C SER A 313 7.73 2.37 -8.58
N ARG A 314 7.65 3.05 -9.71
CA ARG A 314 7.14 4.41 -9.76
C ARG A 314 5.62 4.47 -9.70
N GLU A 315 4.96 3.32 -9.78
CA GLU A 315 3.53 3.24 -9.59
C GLU A 315 3.13 3.70 -8.18
N SER A 316 4.08 3.63 -7.25
CA SER A 316 3.84 4.10 -5.88
C SER A 316 4.56 5.41 -5.54
N ARG A 317 4.80 6.26 -6.54
CA ARG A 317 5.55 7.51 -6.35
C ARG A 317 5.02 8.43 -5.25
N ALA A 318 3.75 8.33 -4.89
CA ALA A 318 3.18 9.20 -3.87
C ALA A 318 3.06 8.54 -2.49
N ILE A 319 3.66 7.37 -2.35
CA ILE A 319 3.65 6.65 -1.07
C ILE A 319 5.03 6.64 -0.43
N THR A 320 5.16 7.23 0.75
CA THR A 320 6.43 7.15 1.46
C THR A 320 6.24 7.31 2.97
N GLY A 321 7.15 6.71 3.73
CA GLY A 321 7.09 6.75 5.18
C GLY A 321 6.08 5.79 5.80
N GLN A 322 5.54 4.89 4.99
CA GLN A 322 4.44 4.02 5.44
C GLN A 322 4.86 2.63 5.89
N THR A 323 4.08 2.07 6.82
CA THR A 323 4.15 0.65 7.12
C THR A 323 2.97 -0.03 6.42
N ILE A 324 3.28 -0.92 5.48
CA ILE A 324 2.25 -1.54 4.66
C ILE A 324 2.12 -3.00 5.07
N TYR A 325 0.92 -3.39 5.51
CA TYR A 325 0.68 -4.72 6.02
C TYR A 325 0.37 -5.74 4.93
N VAL A 326 1.19 -6.78 4.84
CA VAL A 326 0.97 -7.86 3.89
C VAL A 326 0.92 -9.16 4.69
N ASP A 327 -0.26 -9.50 5.18
CA ASP A 327 -0.40 -10.49 6.25
C ASP A 327 -1.78 -11.11 6.22
N ASN A 328 -2.40 -11.10 5.04
CA ASN A 328 -3.77 -11.60 4.88
C ASN A 328 -4.82 -10.87 5.73
N GLY A 329 -4.44 -9.70 6.27
CA GLY A 329 -5.34 -8.86 7.05
C GLY A 329 -5.38 -9.24 8.52
N LEU A 330 -4.51 -10.16 8.93
CA LEU A 330 -4.52 -10.60 10.33
C LEU A 330 -4.43 -9.42 11.32
N ASN A 331 -3.64 -8.41 10.99
CA ASN A 331 -3.46 -7.23 11.86
C ASN A 331 -4.75 -6.53 12.30
N ILE A 332 -5.81 -6.64 11.49
CA ILE A 332 -7.05 -5.90 11.78
C ILE A 332 -7.92 -6.50 12.89
N MET A 333 -7.64 -7.76 13.26
CA MET A 333 -8.49 -8.50 14.21
C MET A 333 -8.17 -8.14 15.67
N PHE A 334 -9.19 -8.17 16.51
CA PHE A 334 -8.98 -8.02 17.95
C PHE A 334 -9.06 -9.40 18.61
N LEU A 335 -10.27 -9.92 18.73
CA LEU A 335 -10.48 -11.22 19.35
C LEU A 335 -10.72 -12.31 18.32
N PRO A 336 -10.19 -13.52 18.60
CA PRO A 336 -10.55 -14.70 17.79
C PRO A 336 -12.07 -14.85 17.71
N ASP A 337 -12.56 -15.37 16.59
CA ASP A 337 -14.00 -15.47 16.35
C ASP A 337 -14.57 -16.84 16.71
N ASP B 11 -11.50 -8.60 -16.78
CA ASP B 11 -11.35 -7.53 -15.78
C ASP B 11 -12.32 -6.39 -16.02
N ILE B 12 -13.36 -6.30 -15.20
CA ILE B 12 -14.29 -5.20 -15.26
C ILE B 12 -14.41 -4.48 -13.93
N CYS B 13 -14.30 -3.17 -13.97
CA CYS B 13 -14.43 -2.35 -12.77
C CYS B 13 -15.62 -1.39 -12.84
N PHE B 14 -16.45 -1.40 -11.81
CA PHE B 14 -17.49 -0.39 -11.64
C PHE B 14 -16.94 0.74 -10.78
N ILE B 15 -16.99 1.95 -11.32
CA ILE B 15 -16.54 3.13 -10.62
C ILE B 15 -17.74 3.96 -10.17
N ALA B 16 -18.02 3.93 -8.88
CA ALA B 16 -19.17 4.63 -8.32
C ALA B 16 -18.75 6.00 -7.80
N GLY B 17 -19.04 7.06 -8.57
CA GLY B 17 -18.78 8.41 -8.12
C GLY B 17 -17.83 9.22 -8.97
N ILE B 18 -18.20 9.42 -10.22
CA ILE B 18 -17.44 10.28 -11.10
C ILE B 18 -18.39 11.29 -11.75
N GLY B 19 -17.98 12.54 -11.85
CA GLY B 19 -18.84 13.59 -12.34
C GLY B 19 -18.14 14.52 -13.31
N ASP B 20 -16.85 14.30 -13.49
CA ASP B 20 -16.04 15.07 -14.43
C ASP B 20 -14.64 14.48 -14.42
N THR B 21 -13.70 15.14 -15.08
CA THR B 21 -12.34 14.63 -15.22
C THR B 21 -11.35 15.24 -14.20
N ASN B 22 -11.88 15.97 -13.23
CA ASN B 22 -11.03 16.69 -12.28
C ASN B 22 -10.87 16.02 -10.91
N GLY B 23 -11.46 14.84 -10.75
CA GLY B 23 -11.45 14.17 -9.46
C GLY B 23 -10.64 12.87 -9.46
N TYR B 24 -10.71 12.14 -8.36
CA TYR B 24 -9.96 10.89 -8.25
C TYR B 24 -10.56 9.76 -9.08
N GLY B 25 -11.88 9.76 -9.23
CA GLY B 25 -12.55 8.74 -10.03
C GLY B 25 -11.97 8.66 -11.44
N TRP B 26 -11.78 9.82 -12.06
CA TRP B 26 -11.25 9.87 -13.42
C TRP B 26 -9.81 9.37 -13.47
N GLY B 27 -9.00 9.83 -12.52
CA GLY B 27 -7.62 9.38 -12.41
C GLY B 27 -7.53 7.87 -12.23
N ILE B 28 -8.46 7.31 -11.46
CA ILE B 28 -8.52 5.87 -11.29
C ILE B 28 -8.91 5.16 -12.58
N ALA B 29 -9.93 5.68 -13.25
CA ALA B 29 -10.35 5.16 -14.55
C ALA B 29 -9.18 5.11 -15.53
N LYS B 30 -8.49 6.23 -15.64
CA LYS B 30 -7.36 6.37 -16.53
C LYS B 30 -6.32 5.26 -16.30
N GLU B 31 -5.90 5.09 -15.04
CA GLU B 31 -4.88 4.11 -14.69
C GLU B 31 -5.31 2.65 -14.90
N LEU B 32 -6.57 2.35 -14.61
CA LEU B 32 -7.10 1.02 -14.85
C LEU B 32 -7.14 0.69 -16.35
N SER B 33 -7.43 1.69 -17.17
CA SER B 33 -7.42 1.52 -18.63
C SER B 33 -6.05 1.06 -19.11
N LYS B 34 -5.00 1.60 -18.50
CA LYS B 34 -3.63 1.23 -18.88
C LYS B 34 -3.39 -0.26 -18.75
N ARG B 35 -4.04 -0.90 -17.77
CA ARG B 35 -3.88 -2.33 -17.56
C ARG B 35 -4.97 -3.11 -18.30
N ASN B 36 -5.65 -2.43 -19.22
CA ASN B 36 -6.69 -3.03 -20.06
C ASN B 36 -7.93 -3.47 -19.28
N VAL B 37 -8.27 -2.72 -18.24
CA VAL B 37 -9.46 -3.00 -17.45
C VAL B 37 -10.69 -2.34 -18.08
N LYS B 38 -11.80 -3.07 -18.12
CA LYS B 38 -13.06 -2.52 -18.63
C LYS B 38 -13.73 -1.67 -17.55
N ILE B 39 -13.99 -0.40 -17.87
CA ILE B 39 -14.54 0.56 -16.91
C ILE B 39 -16.03 0.84 -17.13
N ILE B 40 -16.80 0.78 -16.06
CA ILE B 40 -18.20 1.18 -16.07
C ILE B 40 -18.37 2.35 -15.11
N PHE B 41 -18.82 3.50 -15.61
CA PHE B 41 -19.06 4.66 -14.76
C PHE B 41 -20.46 4.65 -14.14
N GLY B 42 -20.51 4.91 -12.84
CA GLY B 42 -21.77 5.17 -12.15
C GLY B 42 -21.81 6.66 -11.84
N ILE B 43 -22.83 7.34 -12.35
CA ILE B 43 -22.83 8.80 -12.34
C ILE B 43 -24.06 9.37 -11.63
N TRP B 44 -23.83 10.28 -10.71
CA TRP B 44 -24.89 10.89 -9.91
C TRP B 44 -25.84 11.66 -10.84
N PRO B 45 -27.14 11.37 -10.77
CA PRO B 45 -28.09 11.94 -11.72
C PRO B 45 -28.09 13.47 -11.84
N PRO B 46 -27.82 14.20 -10.74
CA PRO B 46 -27.73 15.64 -10.91
C PRO B 46 -26.72 16.07 -11.99
N VAL B 47 -25.62 15.34 -12.14
CA VAL B 47 -24.59 15.69 -13.14
C VAL B 47 -24.52 14.69 -14.30
N TYR B 48 -25.49 13.80 -14.39
CA TYR B 48 -25.46 12.74 -15.39
C TYR B 48 -25.52 13.25 -16.84
N ASN B 49 -26.52 14.08 -17.13
CA ASN B 49 -26.70 14.62 -18.48
C ASN B 49 -25.51 15.44 -18.99
N ILE B 50 -25.04 16.39 -18.18
CA ILE B 50 -23.92 17.23 -18.61
C ILE B 50 -22.67 16.40 -18.86
N PHE B 51 -22.44 15.39 -18.03
CA PHE B 51 -21.29 14.51 -18.21
C PHE B 51 -21.39 13.77 -19.55
N MET B 52 -22.57 13.25 -19.85
CA MET B 52 -22.83 12.59 -21.13
C MET B 52 -22.54 13.55 -22.27
N LYS B 53 -23.17 14.72 -22.23
CA LYS B 53 -23.06 15.73 -23.27
C LYS B 53 -21.61 16.08 -23.57
N ASN B 54 -20.80 16.21 -22.53
CA ASN B 54 -19.40 16.55 -22.69
C ASN B 54 -18.61 15.40 -23.28
N TYR B 55 -19.04 14.18 -23.00
CA TYR B 55 -18.41 12.99 -23.55
C TYR B 55 -18.55 12.94 -25.06
N LYS B 56 -19.79 13.00 -25.55
CA LYS B 56 -20.03 12.93 -26.99
C LYS B 56 -19.55 14.18 -27.73
N ASN B 57 -19.59 15.32 -27.04
CA ASN B 57 -19.07 16.56 -27.62
C ASN B 57 -17.55 16.65 -27.47
N GLY B 58 -16.93 15.53 -27.16
CA GLY B 58 -15.48 15.38 -27.17
C GLY B 58 -14.69 16.26 -26.22
N LYS B 59 -15.33 16.79 -25.19
CA LYS B 59 -14.64 17.63 -24.22
C LYS B 59 -13.55 16.84 -23.50
N PHE B 60 -13.87 15.60 -23.13
CA PHE B 60 -12.96 14.78 -22.35
C PHE B 60 -11.90 14.09 -23.21
N ASP B 61 -11.94 14.33 -24.52
CA ASP B 61 -11.02 13.67 -25.45
C ASP B 61 -9.55 13.95 -25.11
N ASN B 62 -9.26 15.18 -24.71
CA ASN B 62 -7.92 15.56 -24.30
C ASN B 62 -7.54 14.85 -23.00
N ASP B 63 -8.54 14.56 -22.18
CA ASP B 63 -8.33 13.97 -20.86
C ASP B 63 -8.18 12.45 -20.92
N MET B 64 -8.62 11.82 -22.00
CA MET B 64 -8.58 10.37 -22.11
C MET B 64 -7.33 9.85 -22.82
N ILE B 65 -6.28 10.66 -22.82
CA ILE B 65 -5.05 10.33 -23.53
C ILE B 65 -4.11 9.48 -22.68
N LYS B 71 -6.04 5.74 -25.20
CA LYS B 71 -7.46 6.04 -25.18
C LYS B 71 -8.20 5.13 -24.20
N MET B 72 -9.04 5.73 -23.36
CA MET B 72 -9.77 4.98 -22.34
C MET B 72 -10.80 4.01 -22.93
N ASN B 73 -11.11 2.95 -22.19
CA ASN B 73 -12.05 1.92 -22.62
C ASN B 73 -13.34 1.96 -21.80
N ILE B 74 -14.19 2.94 -22.07
CA ILE B 74 -15.40 3.11 -21.27
C ILE B 74 -16.54 2.20 -21.74
N LEU B 75 -16.70 1.09 -21.05
CA LEU B 75 -17.70 0.08 -21.34
C LEU B 75 -19.12 0.64 -21.29
N ASP B 76 -19.37 1.57 -20.38
CA ASP B 76 -20.73 2.03 -20.12
C ASP B 76 -20.78 3.19 -19.13
N MET B 77 -21.89 3.93 -19.17
CA MET B 77 -22.10 5.06 -18.27
C MET B 77 -23.56 5.05 -17.77
N LEU B 78 -23.74 4.80 -16.48
CA LEU B 78 -25.07 4.59 -15.91
C LEU B 78 -25.42 5.63 -14.85
N PRO B 79 -26.71 5.94 -14.73
CA PRO B 79 -27.16 6.81 -13.64
C PRO B 79 -27.03 6.04 -12.34
N PHE B 80 -26.51 6.69 -11.31
CA PHE B 80 -26.29 5.99 -10.05
C PHE B 80 -26.39 6.94 -8.86
N ASP B 81 -27.27 6.61 -7.92
CA ASP B 81 -27.39 7.39 -6.70
C ASP B 81 -27.26 6.47 -5.51
N ALA B 82 -26.17 6.66 -4.77
CA ALA B 82 -25.84 5.80 -3.63
C ALA B 82 -26.65 6.10 -2.37
N SER B 83 -27.60 7.03 -2.47
CA SER B 83 -28.52 7.32 -1.37
C SER B 83 -29.59 6.24 -1.29
N PHE B 84 -29.80 5.56 -2.42
CA PHE B 84 -30.90 4.62 -2.51
C PHE B 84 -30.43 3.16 -2.64
N ASP B 85 -30.87 2.33 -1.72
CA ASP B 85 -30.47 0.94 -1.72
C ASP B 85 -31.29 0.14 -2.73
N THR B 86 -32.60 0.36 -2.76
CA THR B 86 -33.48 -0.29 -3.74
C THR B 86 -34.49 0.72 -4.28
N ALA B 87 -35.20 0.33 -5.33
CA ALA B 87 -36.23 1.18 -5.92
C ALA B 87 -37.26 1.61 -4.88
N ASN B 88 -37.54 0.73 -3.93
CA ASN B 88 -38.49 1.07 -2.89
C ASN B 88 -38.02 2.20 -1.99
N ASP B 89 -36.73 2.50 -2.02
CA ASP B 89 -36.16 3.55 -1.18
C ASP B 89 -36.32 4.94 -1.82
N ILE B 90 -36.55 4.99 -3.12
CA ILE B 90 -36.70 6.28 -3.78
C ILE B 90 -37.98 6.98 -3.33
N ASP B 91 -37.81 8.16 -2.73
CA ASP B 91 -38.94 8.97 -2.29
C ASP B 91 -39.65 9.56 -3.51
N GLU B 92 -40.93 9.84 -3.35
CA GLU B 92 -41.75 10.32 -4.47
C GLU B 92 -41.19 11.58 -5.11
N GLU B 93 -40.74 12.52 -4.30
CA GLU B 93 -40.21 13.78 -4.82
C GLU B 93 -39.01 13.56 -5.74
N THR B 94 -38.02 12.83 -5.26
CA THR B 94 -36.85 12.48 -6.05
C THR B 94 -37.26 11.75 -7.33
N LYS B 95 -38.14 10.78 -7.16
CA LYS B 95 -38.67 9.98 -8.27
C LYS B 95 -39.18 10.91 -9.37
N ASN B 96 -39.82 11.99 -8.94
CA ASN B 96 -40.46 12.91 -9.86
C ASN B 96 -39.60 14.12 -10.24
N ASN B 97 -38.45 14.25 -9.59
CA ASN B 97 -37.57 15.40 -9.82
C ASN B 97 -37.15 15.53 -11.28
N LYS B 98 -36.99 16.78 -11.72
CA LYS B 98 -36.59 17.13 -13.08
C LYS B 98 -35.42 16.31 -13.62
N ARG B 99 -34.47 16.00 -12.73
CA ARG B 99 -33.20 15.41 -13.15
C ARG B 99 -33.17 13.89 -13.02
N TYR B 100 -34.09 13.32 -12.24
CA TYR B 100 -34.22 11.88 -12.09
C TYR B 100 -35.36 11.36 -12.95
N ASN B 101 -35.98 12.27 -13.67
CA ASN B 101 -37.36 12.12 -14.14
C ASN B 101 -37.95 10.75 -14.55
N MET B 102 -37.61 10.08 -15.66
CA MET B 102 -36.65 10.37 -16.76
C MET B 102 -35.40 9.48 -16.78
N LEU B 103 -35.09 8.87 -15.65
CA LEU B 103 -33.97 7.94 -15.52
C LEU B 103 -34.46 6.69 -14.81
N GLN B 104 -33.80 5.56 -15.02
CA GLN B 104 -34.22 4.34 -14.33
C GLN B 104 -33.04 3.55 -13.74
N ASN B 105 -33.36 2.56 -12.92
CA ASN B 105 -32.38 1.60 -12.43
C ASN B 105 -31.12 2.23 -11.87
N TYR B 106 -31.26 3.25 -11.04
CA TYR B 106 -30.12 3.99 -10.54
C TYR B 106 -29.88 3.77 -9.05
N THR B 107 -30.70 2.92 -8.42
CA THR B 107 -30.44 2.56 -7.05
C THR B 107 -29.26 1.60 -7.01
N ILE B 108 -28.87 1.21 -5.81
CA ILE B 108 -27.73 0.31 -5.64
C ILE B 108 -28.06 -1.12 -6.11
N GLU B 109 -29.15 -1.68 -5.62
CA GLU B 109 -29.62 -2.99 -6.09
C GLU B 109 -29.81 -3.00 -7.61
N ASP B 110 -30.39 -1.94 -8.14
CA ASP B 110 -30.69 -1.86 -9.57
C ASP B 110 -29.45 -1.82 -10.47
N VAL B 111 -28.42 -1.08 -10.10
CA VAL B 111 -27.24 -1.02 -10.94
C VAL B 111 -26.49 -2.34 -10.88
N ALA B 112 -26.49 -2.96 -9.70
CA ALA B 112 -25.91 -4.29 -9.55
C ALA B 112 -26.54 -5.22 -10.58
N ASN B 113 -27.86 -5.40 -10.47
CA ASN B 113 -28.61 -6.23 -11.43
C ASN B 113 -28.35 -5.89 -12.88
N LEU B 114 -28.53 -4.61 -13.23
CA LEU B 114 -28.28 -4.15 -14.59
C LEU B 114 -26.89 -4.55 -15.08
N ILE B 115 -25.86 -4.22 -14.30
CA ILE B 115 -24.48 -4.55 -14.68
C ILE B 115 -24.31 -6.07 -14.88
N HIS B 116 -24.94 -6.85 -14.01
CA HIS B 116 -24.81 -8.30 -14.11
C HIS B 116 -25.47 -8.85 -15.37
N GLN B 117 -26.62 -8.30 -15.72
CA GLN B 117 -27.33 -8.71 -16.92
C GLN B 117 -26.54 -8.38 -18.18
N LYS B 118 -26.10 -7.13 -18.31
CA LYS B 118 -25.34 -6.71 -19.47
C LYS B 118 -24.01 -7.45 -19.61
N TYR B 119 -23.28 -7.62 -18.51
CA TYR B 119 -21.87 -8.02 -18.59
C TYR B 119 -21.45 -9.23 -17.77
N GLY B 120 -22.37 -9.78 -16.98
CA GLY B 120 -22.02 -10.87 -16.09
C GLY B 120 -21.41 -10.38 -14.79
N LYS B 121 -20.55 -11.20 -14.19
CA LYS B 121 -19.89 -10.84 -12.94
C LYS B 121 -18.66 -9.96 -13.18
N ILE B 122 -18.39 -9.07 -12.24
CA ILE B 122 -17.23 -8.21 -12.33
C ILE B 122 -16.24 -8.60 -11.24
N ASN B 123 -15.08 -7.97 -11.21
CA ASN B 123 -14.07 -8.33 -10.23
C ASN B 123 -13.45 -7.13 -9.54
N MET B 124 -13.91 -5.94 -9.87
CA MET B 124 -13.38 -4.73 -9.31
C MET B 124 -14.48 -3.74 -9.00
N LEU B 125 -14.35 -3.07 -7.85
CA LEU B 125 -15.31 -2.07 -7.42
C LEU B 125 -14.61 -0.88 -6.76
N VAL B 126 -14.97 0.33 -7.19
CA VAL B 126 -14.41 1.55 -6.62
C VAL B 126 -15.53 2.43 -6.05
N HIS B 127 -15.44 2.70 -4.75
CA HIS B 127 -16.30 3.68 -4.09
C HIS B 127 -15.52 4.99 -4.06
N SER B 128 -15.98 5.96 -4.84
CA SER B 128 -15.25 7.19 -5.04
C SER B 128 -16.17 8.38 -4.89
N LEU B 129 -16.94 8.38 -3.80
CA LEU B 129 -17.91 9.44 -3.60
C LEU B 129 -18.06 9.79 -2.13
N ALA B 130 -18.65 10.94 -1.89
CA ALA B 130 -18.82 11.48 -0.55
C ALA B 130 -19.76 12.65 -0.72
N ASN B 131 -20.49 12.96 0.34
CA ASN B 131 -21.39 14.09 0.29
C ASN B 131 -21.86 14.40 1.68
N ALA B 132 -22.01 15.69 1.95
CA ALA B 132 -22.47 16.15 3.25
C ALA B 132 -23.08 17.52 3.05
N LYS B 133 -24.37 17.65 3.36
CA LYS B 133 -25.06 18.91 3.18
C LYS B 133 -24.46 20.08 3.95
N GLU B 134 -23.89 19.79 5.12
CA GLU B 134 -23.41 20.84 6.02
C GLU B 134 -21.88 20.84 6.17
N VAL B 135 -21.18 20.44 5.13
CA VAL B 135 -19.72 20.37 5.17
C VAL B 135 -19.10 21.71 5.59
N GLN B 136 -19.82 22.79 5.31
CA GLN B 136 -19.31 24.14 5.56
C GLN B 136 -19.39 24.52 7.03
N LYS B 137 -20.19 23.78 7.80
CA LYS B 137 -20.31 24.02 9.22
C LYS B 137 -19.26 23.20 9.97
N ASP B 138 -18.79 23.69 11.10
CA ASP B 138 -17.90 22.87 11.90
C ASP B 138 -18.72 21.86 12.70
N LEU B 139 -18.07 20.79 13.15
CA LEU B 139 -18.75 19.64 13.75
C LEU B 139 -19.75 20.03 14.85
N LEU B 140 -19.31 20.91 15.74
CA LEU B 140 -20.11 21.31 16.89
C LEU B 140 -21.42 21.94 16.44
N ASN B 141 -21.40 22.57 15.27
CA ASN B 141 -22.55 23.28 14.74
C ASN B 141 -23.34 22.51 13.68
N THR B 142 -23.02 21.24 13.50
CA THR B 142 -23.73 20.41 12.53
C THR B 142 -25.00 19.87 13.15
N SER B 143 -26.11 19.89 12.40
CA SER B 143 -27.36 19.33 12.89
C SER B 143 -27.33 17.81 12.83
N ARG B 144 -28.28 17.17 13.51
CA ARG B 144 -28.37 15.72 13.50
C ARG B 144 -28.61 15.26 12.07
N LYS B 145 -29.50 15.99 11.41
CA LYS B 145 -29.88 15.69 10.04
C LYS B 145 -28.70 15.80 9.07
N GLY B 146 -27.92 16.87 9.20
CA GLY B 146 -26.74 17.03 8.35
C GLY B 146 -25.70 15.94 8.57
N TYR B 147 -25.46 15.62 9.84
CA TYR B 147 -24.49 14.61 10.26
C TYR B 147 -24.88 13.24 9.71
N LEU B 148 -26.15 12.87 9.89
CA LEU B 148 -26.63 11.58 9.39
C LEU B 148 -26.56 11.50 7.86
N ASP B 149 -26.84 12.61 7.20
CA ASP B 149 -26.69 12.70 5.75
C ASP B 149 -25.25 12.38 5.33
N ALA B 150 -24.29 12.95 6.05
CA ALA B 150 -22.87 12.72 5.75
C ALA B 150 -22.55 11.24 5.86
N LEU B 151 -22.97 10.64 6.97
CA LEU B 151 -22.71 9.23 7.17
C LEU B 151 -23.45 8.32 6.19
N SER B 152 -24.70 8.67 5.88
CA SER B 152 -25.47 7.90 4.92
C SER B 152 -24.81 7.87 3.54
N LYS B 153 -24.49 9.04 3.01
CA LYS B 153 -23.98 9.15 1.65
C LYS B 153 -22.51 8.77 1.52
N SER B 154 -21.73 9.03 2.56
CA SER B 154 -20.27 8.83 2.48
C SER B 154 -19.80 7.50 3.07
N SER B 155 -20.55 6.96 4.02
CA SER B 155 -20.11 5.76 4.73
C SER B 155 -21.01 4.55 4.50
N TYR B 156 -22.29 4.66 4.87
CA TYR B 156 -23.19 3.53 4.68
C TYR B 156 -23.22 3.09 3.22
N SER B 157 -23.13 4.05 2.30
CA SER B 157 -23.17 3.75 0.88
C SER B 157 -22.14 2.69 0.49
N LEU B 158 -20.99 2.70 1.16
CA LEU B 158 -19.97 1.69 0.91
C LEU B 158 -20.43 0.30 1.35
N ILE B 159 -20.93 0.23 2.57
CA ILE B 159 -21.48 -1.02 3.11
C ILE B 159 -22.51 -1.65 2.17
N SER B 160 -23.42 -0.81 1.71
CA SER B 160 -24.53 -1.28 0.89
C SER B 160 -24.05 -1.62 -0.52
N LEU B 161 -23.08 -0.84 -1.01
CA LEU B 161 -22.46 -1.13 -2.29
C LEU B 161 -21.91 -2.55 -2.25
N CYS B 162 -21.21 -2.86 -1.15
CA CYS B 162 -20.64 -4.18 -0.95
C CYS B 162 -21.71 -5.26 -0.90
N LYS B 163 -22.76 -5.02 -0.13
CA LYS B 163 -23.85 -5.97 0.08
C LYS B 163 -24.43 -6.46 -1.25
N TYR B 164 -24.66 -5.53 -2.17
CA TYR B 164 -25.32 -5.87 -3.44
C TYR B 164 -24.35 -6.30 -4.53
N PHE B 165 -23.12 -5.82 -4.47
CA PHE B 165 -22.16 -6.18 -5.49
C PHE B 165 -21.43 -7.49 -5.22
N VAL B 166 -21.42 -7.95 -3.96
CA VAL B 166 -20.70 -9.19 -3.67
C VAL B 166 -21.29 -10.36 -4.43
N ASN B 167 -22.58 -10.27 -4.75
CA ASN B 167 -23.25 -11.34 -5.48
C ASN B 167 -22.95 -11.33 -6.98
N ILE B 168 -22.48 -10.20 -7.50
CA ILE B 168 -22.14 -10.13 -8.90
C ILE B 168 -20.63 -10.01 -9.08
N MET B 169 -19.90 -10.39 -8.04
CA MET B 169 -18.44 -10.36 -8.10
C MET B 169 -17.88 -11.76 -7.86
N LYS B 170 -16.84 -12.09 -8.59
CA LYS B 170 -16.17 -13.36 -8.42
C LYS B 170 -15.30 -13.33 -7.18
N PRO B 171 -14.86 -14.51 -6.72
CA PRO B 171 -13.58 -14.47 -6.00
C PRO B 171 -12.60 -14.36 -7.15
N GLN B 172 -11.43 -13.76 -6.98
CA GLN B 172 -10.95 -13.20 -5.74
C GLN B 172 -10.93 -11.70 -5.99
N SER B 173 -12.12 -11.09 -6.01
CA SER B 173 -12.27 -9.70 -6.42
C SER B 173 -11.79 -8.72 -5.35
N SER B 174 -11.75 -7.45 -5.72
CA SER B 174 -11.17 -6.43 -4.87
C SER B 174 -12.00 -5.16 -4.87
N ILE B 175 -12.09 -4.53 -3.70
CA ILE B 175 -12.88 -3.31 -3.53
C ILE B 175 -12.01 -2.22 -2.90
N ILE B 176 -12.12 -1.00 -3.40
CA ILE B 176 -11.47 0.12 -2.72
C ILE B 176 -12.41 1.31 -2.55
N SER B 177 -12.12 2.12 -1.54
CA SER B 177 -12.79 3.39 -1.35
C SER B 177 -11.75 4.48 -1.13
N LEU B 178 -12.21 5.72 -0.96
CA LEU B 178 -11.30 6.84 -0.75
C LEU B 178 -11.61 7.54 0.57
N THR B 179 -10.57 7.86 1.31
CA THR B 179 -10.78 8.52 2.58
C THR B 179 -9.81 9.68 2.74
N TYR B 180 -9.85 10.33 3.89
CA TYR B 180 -9.01 11.49 4.15
C TYR B 180 -8.57 11.51 5.63
N HIS B 181 -7.34 11.96 5.86
CA HIS B 181 -6.69 11.90 7.17
C HIS B 181 -7.42 12.67 8.29
N ALA B 182 -8.38 13.53 7.94
CA ALA B 182 -9.18 14.24 8.95
C ALA B 182 -9.91 13.29 9.91
N SER B 183 -10.09 12.04 9.50
CA SER B 183 -10.67 11.02 10.39
C SER B 183 -9.77 10.74 11.60
N GLN B 184 -8.46 10.85 11.39
CA GLN B 184 -7.47 10.46 12.39
C GLN B 184 -6.85 11.66 13.12
N LYS B 185 -6.73 12.79 12.43
CA LYS B 185 -6.17 14.00 13.02
C LYS B 185 -7.01 15.20 12.63
N VAL B 186 -7.03 16.21 13.49
CA VAL B 186 -7.96 17.32 13.31
C VAL B 186 -7.58 18.23 12.13
N VAL B 187 -8.54 18.40 11.23
CA VAL B 187 -8.40 19.33 10.12
C VAL B 187 -9.61 20.27 10.21
N PRO B 188 -9.42 21.43 10.86
CA PRO B 188 -10.54 22.36 10.99
C PRO B 188 -10.99 22.81 9.61
N GLY B 189 -12.31 22.90 9.39
CA GLY B 189 -12.82 23.23 8.08
C GLY B 189 -13.35 22.03 7.32
N TYR B 190 -12.90 20.84 7.69
CA TYR B 190 -13.45 19.59 7.14
C TYR B 190 -14.68 19.26 7.97
N GLY B 191 -15.79 19.95 7.70
CA GLY B 191 -16.92 19.89 8.61
C GLY B 191 -18.09 19.01 8.16
N GLY B 192 -19.24 19.22 8.78
CA GLY B 192 -20.46 18.56 8.39
C GLY B 192 -20.54 17.10 8.79
N GLY B 193 -19.59 16.63 9.58
CA GLY B 193 -19.52 15.22 9.91
C GLY B 193 -18.75 14.43 8.87
N MET B 194 -18.09 15.13 7.95
CA MET B 194 -17.25 14.45 6.96
C MET B 194 -16.08 13.75 7.64
N SER B 195 -15.51 14.38 8.67
CA SER B 195 -14.46 13.75 9.45
C SER B 195 -15.00 12.45 10.06
N SER B 196 -16.19 12.55 10.64
CA SER B 196 -16.85 11.41 11.26
C SER B 196 -17.12 10.32 10.25
N ALA B 197 -17.57 10.73 9.06
CA ALA B 197 -17.87 9.77 8.01
C ALA B 197 -16.62 9.01 7.55
N LYS B 198 -15.48 9.70 7.47
CA LYS B 198 -14.23 9.06 7.05
C LYS B 198 -13.71 8.09 8.13
N ALA B 199 -13.91 8.45 9.39
CA ALA B 199 -13.52 7.60 10.50
C ALA B 199 -14.34 6.32 10.51
N ALA B 200 -15.64 6.45 10.26
CA ALA B 200 -16.53 5.29 10.22
C ALA B 200 -16.21 4.41 9.03
N LEU B 201 -15.91 5.04 7.90
CA LEU B 201 -15.56 4.32 6.70
C LEU B 201 -14.25 3.52 6.83
N GLU B 202 -13.28 4.09 7.55
CA GLU B 202 -12.00 3.41 7.76
C GLU B 202 -12.18 2.22 8.70
N SER B 203 -13.03 2.41 9.71
CA SER B 203 -13.42 1.32 10.60
C SER B 203 -14.23 0.24 9.86
N ASP B 204 -15.20 0.67 9.05
CA ASP B 204 -16.06 -0.27 8.33
C ASP B 204 -15.23 -1.08 7.33
N THR B 205 -14.16 -0.47 6.82
CA THR B 205 -13.28 -1.17 5.88
C THR B 205 -12.67 -2.42 6.52
N ARG B 206 -12.23 -2.32 7.78
CA ARG B 206 -11.76 -3.48 8.54
C ARG B 206 -12.85 -4.55 8.73
N VAL B 207 -13.98 -4.13 9.30
CA VAL B 207 -15.09 -5.06 9.57
C VAL B 207 -15.56 -5.76 8.30
N LEU B 208 -15.75 -4.99 7.22
CA LEU B 208 -16.05 -5.55 5.92
C LEU B 208 -14.95 -6.50 5.43
N ALA B 209 -13.68 -6.14 5.63
CA ALA B 209 -12.60 -6.99 5.14
C ALA B 209 -12.68 -8.37 5.78
N TYR B 210 -13.12 -8.41 7.04
CA TYR B 210 -13.29 -9.67 7.74
C TYR B 210 -14.39 -10.55 7.13
N HIS B 211 -15.59 -10.00 7.02
CA HIS B 211 -16.73 -10.75 6.48
C HIS B 211 -16.53 -11.10 5.02
N LEU B 212 -16.03 -10.16 4.22
CA LEU B 212 -15.84 -10.37 2.80
C LEU B 212 -14.73 -11.37 2.52
N GLY B 213 -13.68 -11.32 3.35
CA GLY B 213 -12.56 -12.22 3.18
C GLY B 213 -12.95 -13.64 3.53
N ARG B 214 -13.62 -13.80 4.67
CA ARG B 214 -13.99 -15.11 5.18
C ARG B 214 -15.00 -15.82 4.29
N ASN B 215 -16.07 -15.10 3.96
CA ASN B 215 -17.22 -15.68 3.30
C ASN B 215 -17.13 -15.68 1.78
N TYR B 216 -16.30 -14.78 1.25
CA TYR B 216 -16.31 -14.52 -0.18
C TYR B 216 -14.94 -14.51 -0.79
N ASN B 217 -13.90 -14.57 0.04
CA ASN B 217 -12.56 -14.40 -0.47
C ASN B 217 -12.44 -13.10 -1.30
N ILE B 218 -13.16 -12.06 -0.86
CA ILE B 218 -13.08 -10.76 -1.54
C ILE B 218 -12.32 -9.76 -0.65
N ARG B 219 -11.51 -8.92 -1.28
CA ARG B 219 -10.69 -7.97 -0.53
C ARG B 219 -11.31 -6.58 -0.54
N ILE B 220 -11.04 -5.82 0.51
CA ILE B 220 -11.45 -4.43 0.56
C ILE B 220 -10.41 -3.61 1.33
N ASN B 221 -10.02 -2.48 0.75
CA ASN B 221 -9.07 -1.56 1.36
C ASN B 221 -9.56 -0.14 1.09
N THR B 222 -8.92 0.86 1.70
CA THR B 222 -9.28 2.24 1.42
C THR B 222 -8.03 3.10 1.23
N ILE B 223 -8.09 4.05 0.31
CA ILE B 223 -6.95 4.92 0.06
C ILE B 223 -7.14 6.29 0.68
N SER B 224 -6.26 6.65 1.61
CA SER B 224 -6.30 7.99 2.20
C SER B 224 -5.48 8.95 1.34
N ALA B 225 -6.19 9.74 0.54
CA ALA B 225 -5.53 10.57 -0.48
C ALA B 225 -5.18 11.94 0.08
N GLY B 226 -4.19 12.58 -0.53
CA GLY B 226 -3.88 13.96 -0.22
C GLY B 226 -4.80 14.90 -0.98
N PRO B 227 -4.54 16.22 -0.88
CA PRO B 227 -5.49 17.19 -1.46
C PRO B 227 -5.42 17.24 -2.99
N LEU B 228 -6.58 17.37 -3.62
CA LEU B 228 -6.69 17.50 -5.05
C LEU B 228 -7.85 18.47 -5.32
N LYS B 229 -7.65 19.42 -6.23
CA LYS B 229 -8.68 20.43 -6.48
C LYS B 229 -9.81 19.90 -7.36
N SER B 230 -10.77 19.22 -6.73
CA SER B 230 -11.87 18.60 -7.44
C SER B 230 -13.12 19.44 -7.26
N ARG B 231 -14.22 18.99 -7.85
CA ARG B 231 -15.52 19.63 -7.65
C ARG B 231 -15.84 19.66 -6.17
N ALA B 232 -15.87 18.47 -5.57
CA ALA B 232 -16.16 18.33 -4.15
C ALA B 232 -15.28 19.20 -3.25
N ALA B 233 -13.98 19.26 -3.56
CA ALA B 233 -13.03 19.98 -2.73
C ALA B 233 -13.34 21.49 -2.65
N THR B 234 -13.91 22.03 -3.73
CA THR B 234 -14.26 23.44 -3.79
C THR B 234 -15.57 23.72 -3.06
N ALA B 235 -16.40 22.69 -2.89
CA ALA B 235 -17.65 22.81 -2.17
C ALA B 235 -17.41 23.35 -0.75
N ILE B 236 -16.25 23.03 -0.20
CA ILE B 236 -15.84 23.55 1.10
C ILE B 236 -15.49 25.04 0.98
N ASN B 237 -16.03 25.85 1.89
CA ASN B 237 -15.98 27.32 1.73
C ASN B 237 -14.55 27.85 1.57
N THR B 280 -11.01 27.86 -1.18
CA THR B 280 -9.70 28.28 -0.72
C THR B 280 -9.15 27.33 0.35
N PHE B 281 -10.04 26.58 0.99
CA PHE B 281 -9.59 25.54 1.90
C PHE B 281 -8.72 24.54 1.14
N ILE B 282 -9.21 24.10 -0.02
CA ILE B 282 -8.44 23.15 -0.82
C ILE B 282 -7.15 23.76 -1.37
N ASP B 283 -7.19 25.04 -1.72
CA ASP B 283 -6.01 25.74 -2.23
C ASP B 283 -4.93 25.80 -1.16
N TYR B 284 -5.34 26.10 0.06
CA TYR B 284 -4.43 26.12 1.20
C TYR B 284 -3.92 24.71 1.47
N ALA B 285 -4.83 23.74 1.50
CA ALA B 285 -4.48 22.34 1.67
C ALA B 285 -3.39 21.93 0.68
N ILE B 286 -3.65 22.15 -0.60
CA ILE B 286 -2.73 21.79 -1.65
C ILE B 286 -1.38 22.49 -1.48
N GLU B 287 -1.44 23.77 -1.18
CA GLU B 287 -0.24 24.58 -1.08
C GLU B 287 0.58 24.16 0.14
N TYR B 288 -0.10 23.83 1.22
CA TYR B 288 0.56 23.40 2.45
C TYR B 288 1.23 22.05 2.23
N SER B 289 0.54 21.15 1.56
CA SER B 289 1.07 19.83 1.26
C SER B 289 2.32 19.89 0.36
N GLU B 290 2.23 20.68 -0.71
CA GLU B 290 3.36 20.85 -1.61
C GLU B 290 4.57 21.51 -0.95
N LYS B 291 4.32 22.24 0.13
CA LYS B 291 5.42 22.86 0.87
C LYS B 291 6.01 21.95 1.95
N TYR B 292 5.16 21.20 2.65
CA TYR B 292 5.61 20.45 3.83
C TYR B 292 5.68 18.93 3.71
N ALA B 293 5.03 18.35 2.70
CA ALA B 293 5.10 16.90 2.51
C ALA B 293 6.54 16.48 2.26
N PRO B 294 6.91 15.27 2.73
CA PRO B 294 8.25 14.73 2.48
C PRO B 294 8.59 14.75 0.99
N LEU B 295 7.59 14.46 0.15
CA LEU B 295 7.78 14.48 -1.29
C LEU B 295 7.14 15.75 -1.85
N ARG B 296 7.91 16.55 -2.56
CA ARG B 296 7.41 17.88 -2.93
C ARG B 296 6.85 17.98 -4.34
N GLN B 297 6.86 16.88 -5.08
CA GLN B 297 6.14 16.77 -6.33
C GLN B 297 4.66 17.14 -6.14
N LYS B 298 4.00 17.56 -7.22
CA LYS B 298 2.57 17.84 -7.15
C LYS B 298 1.79 16.53 -7.18
N LEU B 299 0.78 16.40 -6.31
CA LEU B 299 0.02 15.17 -6.21
C LEU B 299 -1.03 15.13 -7.31
N LEU B 300 -0.98 14.08 -8.14
CA LEU B 300 -1.89 13.95 -9.27
C LEU B 300 -2.97 12.91 -8.99
N SER B 301 -4.09 13.02 -9.69
CA SER B 301 -5.16 12.05 -9.50
C SER B 301 -4.75 10.68 -10.02
N THR B 302 -3.77 10.64 -10.92
CA THR B 302 -3.25 9.37 -11.43
C THR B 302 -2.24 8.73 -10.48
N ASP B 303 -1.75 9.50 -9.49
CA ASP B 303 -0.90 8.97 -8.43
C ASP B 303 -1.74 8.03 -7.55
N ILE B 304 -2.94 8.49 -7.21
CA ILE B 304 -3.91 7.67 -6.51
C ILE B 304 -4.36 6.52 -7.42
N GLY B 305 -4.58 6.85 -8.70
CA GLY B 305 -5.07 5.87 -9.67
C GLY B 305 -4.20 4.64 -9.84
N SER B 306 -2.89 4.84 -9.92
CA SER B 306 -2.00 3.68 -10.05
C SER B 306 -1.96 2.88 -8.75
N VAL B 307 -2.16 3.54 -7.61
CA VAL B 307 -2.25 2.82 -6.34
C VAL B 307 -3.58 2.04 -6.27
N ALA B 308 -4.64 2.65 -6.74
CA ALA B 308 -5.94 1.98 -6.83
C ALA B 308 -5.85 0.75 -7.73
N SER B 309 -5.14 0.91 -8.84
CA SER B 309 -4.98 -0.18 -9.80
C SER B 309 -4.26 -1.37 -9.16
N PHE B 310 -3.18 -1.07 -8.44
CA PHE B 310 -2.47 -2.08 -7.69
C PHE B 310 -3.35 -2.79 -6.65
N LEU B 311 -4.10 -2.02 -5.87
CA LEU B 311 -4.93 -2.61 -4.81
C LEU B 311 -6.03 -3.50 -5.40
N LEU B 312 -6.52 -3.13 -6.57
CA LEU B 312 -7.59 -3.86 -7.22
C LEU B 312 -7.09 -5.12 -7.91
N SER B 313 -5.80 -5.13 -8.25
CA SER B 313 -5.20 -6.26 -8.96
C SER B 313 -4.78 -7.39 -8.03
N ARG B 314 -4.44 -8.52 -8.60
CA ARG B 314 -4.01 -9.70 -7.85
C ARG B 314 -2.64 -9.54 -7.21
N GLU B 315 -1.89 -8.53 -7.63
CA GLU B 315 -0.60 -8.25 -7.01
C GLU B 315 -0.71 -7.90 -5.52
N SER B 316 -1.89 -7.47 -5.09
CA SER B 316 -2.09 -7.09 -3.69
C SER B 316 -2.92 -8.13 -2.93
N ARG B 317 -2.92 -9.37 -3.43
CA ARG B 317 -3.78 -10.43 -2.91
C ARG B 317 -3.68 -10.66 -1.39
N ALA B 318 -2.57 -10.29 -0.75
CA ALA B 318 -2.43 -10.46 0.69
C ALA B 318 -2.71 -9.20 1.54
N ILE B 319 -3.23 -8.16 0.91
CA ILE B 319 -3.56 -6.92 1.62
C ILE B 319 -5.08 -6.74 1.74
N THR B 320 -5.56 -6.61 2.97
CA THR B 320 -6.98 -6.31 3.13
C THR B 320 -7.27 -5.62 4.46
N GLY B 321 -8.36 -4.85 4.48
CA GLY B 321 -8.79 -4.12 5.66
C GLY B 321 -7.96 -2.88 5.94
N GLN B 322 -7.11 -2.48 4.99
CA GLN B 322 -6.11 -1.44 5.24
C GLN B 322 -6.48 -0.04 4.77
N THR B 323 -5.97 0.96 5.50
CA THR B 323 -5.98 2.35 5.07
C THR B 323 -4.60 2.68 4.52
N ILE B 324 -4.48 2.82 3.21
CA ILE B 324 -3.21 3.11 2.55
C ILE B 324 -3.11 4.58 2.15
N TYR B 325 -2.09 5.26 2.67
CA TYR B 325 -1.90 6.69 2.43
C TYR B 325 -1.18 6.95 1.13
N VAL B 326 -1.83 7.72 0.26
CA VAL B 326 -1.21 8.17 -0.99
C VAL B 326 -1.29 9.68 -0.98
N ASP B 327 -0.28 10.31 -0.36
CA ASP B 327 -0.38 11.72 -0.02
C ASP B 327 0.98 12.38 0.07
N ASN B 328 1.92 11.88 -0.73
CA ASN B 328 3.31 12.36 -0.68
C ASN B 328 3.93 12.32 0.71
N GLY B 329 3.34 11.53 1.61
CA GLY B 329 3.89 11.32 2.94
C GLY B 329 3.50 12.33 4.01
N LEU B 330 2.63 13.27 3.67
CA LEU B 330 2.27 14.35 4.58
C LEU B 330 1.81 13.83 5.94
N ASN B 331 1.11 12.70 5.92
CA ASN B 331 0.53 12.14 7.15
C ASN B 331 1.56 11.84 8.23
N ILE B 332 2.81 11.57 7.83
CA ILE B 332 3.85 11.22 8.80
C ILE B 332 4.39 12.40 9.58
N MET B 333 4.04 13.62 9.19
CA MET B 333 4.64 14.80 9.84
C MET B 333 3.90 15.24 11.12
N PHE B 334 4.67 15.64 12.13
CA PHE B 334 4.08 16.27 13.30
C PHE B 334 4.19 17.78 13.19
N LEU B 335 5.43 18.26 13.24
CA LEU B 335 5.72 19.69 13.26
C LEU B 335 6.15 20.19 11.89
N PRO B 336 5.50 21.28 11.41
CA PRO B 336 5.88 21.92 10.15
C PRO B 336 7.39 22.13 10.09
N ASP B 337 8.03 21.49 9.11
CA ASP B 337 9.45 21.64 8.85
C ASP B 337 10.29 21.97 10.09
PA NAD C . 15.63 -14.99 6.12
O1A NAD C . 16.63 -15.91 6.79
O2A NAD C . 15.19 -15.25 4.71
O5B NAD C . 16.16 -13.47 6.21
C5B NAD C . 17.06 -13.04 7.24
C4B NAD C . 18.46 -12.97 6.63
O4B NAD C . 19.28 -11.95 7.20
C3B NAD C . 19.18 -14.29 6.87
O3B NAD C . 19.21 -15.05 5.66
C2B NAD C . 20.58 -13.91 7.30
O2B NAD C . 21.55 -14.54 6.46
C1B NAD C . 20.63 -12.40 7.16
N9A NAD C . 21.50 -11.81 8.22
C8A NAD C . 21.54 -12.11 9.55
N7A NAD C . 22.46 -11.36 10.24
C5A NAD C . 23.06 -10.55 9.33
C6A NAD C . 24.11 -9.52 9.28
N6A NAD C . 24.72 -9.08 10.37
N1A NAD C . 24.41 -9.04 8.06
C2A NAD C . 23.78 -9.38 7.01
N3A NAD C . 22.82 -10.21 6.94
C4A NAD C . 22.42 -10.87 8.07
O3 NAD C . 14.32 -14.94 7.05
PN NAD C . 13.16 -13.89 6.71
O1N NAD C . 13.01 -13.83 5.21
O2N NAD C . 11.98 -14.21 7.60
O5D NAD C . 13.77 -12.47 7.19
C5D NAD C . 13.75 -11.34 6.32
C4D NAD C . 13.04 -10.18 7.01
O4D NAD C . 11.62 -10.41 7.14
C3D NAD C . 13.57 -9.97 8.42
O3D NAD C . 13.94 -8.59 8.55
C2D NAD C . 12.41 -10.33 9.33
O2D NAD C . 12.41 -9.53 10.50
C1D NAD C . 11.21 -10.01 8.46
N1N NAD C . 9.95 -10.67 8.85
C2N NAD C . 9.82 -11.99 8.77
C3N NAD C . 8.61 -12.62 9.12
C7N NAD C . 8.46 -14.12 9.02
O7N NAD C . 7.41 -14.72 9.56
N7N NAD C . 9.31 -14.82 8.40
C4N NAD C . 7.55 -11.85 9.56
C5N NAD C . 7.72 -10.47 9.64
C6N NAD C . 8.94 -9.90 9.27
CL24 JPN D . 15.10 -12.83 10.22
C18 JPN D . 14.71 -12.94 11.96
C19 JPN D . 15.72 -13.03 12.91
C17 JPN D . 13.30 -12.94 12.41
C22 JPN D . 13.02 -13.00 13.78
C21 JPN D . 14.08 -13.10 14.69
C20 JPN D . 15.40 -13.11 14.26
CL25 JPN D . 16.73 -13.24 15.46
O16 JPN D . 12.30 -12.84 11.49
C13 JPN D . 10.98 -13.11 11.78
C14 JPN D . 10.45 -14.40 11.78
C15 JPN D . 9.11 -14.58 12.07
C10 JPN D . 8.25 -13.51 12.34
C11 JPN D . 8.74 -12.20 12.33
C12 JPN D . 10.08 -11.97 12.05
O23 JPN D . 10.58 -10.71 12.03
C9 JPN D . 6.79 -13.71 12.65
C8 JPN D . 6.57 -14.88 13.60
C7 JPN D . 7.54 -14.81 14.78
C3 JPN D . 6.87 -15.26 16.05
C4 JPN D . 7.65 -15.58 17.15
C5 JPN D . 7.05 -16.00 18.34
C6 JPN D . 5.66 -16.11 18.41
C1 JPN D . 4.89 -15.78 17.31
C2 JPN D . 5.48 -15.36 16.13
PA NAD E . -15.39 14.52 -7.05
O1A NAD E . -16.48 15.56 -7.04
O2A NAD E . -14.52 14.34 -8.28
O5B NAD E . -15.99 13.09 -6.67
C5B NAD E . -17.19 12.97 -5.91
C4B NAD E . -18.25 12.41 -6.84
O4B NAD E . -19.22 11.64 -6.12
C3B NAD E . -18.99 13.53 -7.56
O3B NAD E . -18.69 13.44 -8.96
C2B NAD E . -20.47 13.26 -7.32
O2B NAD E . -21.23 13.32 -8.53
C1B NAD E . -20.50 11.86 -6.73
N9A NAD E . -21.60 11.76 -5.75
C8A NAD E . -21.87 12.58 -4.70
N7A NAD E . -22.99 12.19 -4.01
C5A NAD E . -23.45 11.08 -4.62
C6A NAD E . -24.56 10.13 -4.48
N6A NAD E . -25.48 10.28 -3.53
N1A NAD E . -24.59 9.13 -5.38
C2A NAD E . -23.70 8.95 -6.29
N3A NAD E . -22.76 9.78 -6.55
C4A NAD E . -22.56 10.84 -5.72
O3 NAD E . -14.43 14.85 -5.78
PN NAD E . -13.22 13.90 -5.31
O1N NAD E . -12.67 13.12 -6.48
O2N NAD E . -12.28 14.75 -4.47
O5D NAD E . -13.94 12.83 -4.34
C5D NAD E . -13.85 11.42 -4.59
C4D NAD E . -13.50 10.72 -3.28
O4D NAD E . -12.16 11.02 -2.88
C3D NAD E . -14.40 11.16 -2.14
O3D NAD E . -14.73 10.02 -1.34
C2D NAD E . -13.52 12.10 -1.31
O2D NAD E . -13.92 12.12 0.06
C1D NAD E . -12.15 11.46 -1.52
N1N NAD E . -11.04 12.35 -1.21
C2N NAD E . -10.84 13.49 -1.90
C3N NAD E . -9.76 14.33 -1.59
C7N NAD E . -9.52 15.61 -2.35
O7N NAD E . -8.61 16.47 -1.91
N7N NAD E . -10.16 15.90 -3.41
C4N NAD E . -8.89 13.96 -0.58
C5N NAD E . -9.11 12.78 0.13
C6N NAD E . -10.20 11.99 -0.21
CL24 JPN F . -16.36 14.44 -2.63
C18 JPN F . -16.52 15.40 -1.11
C19 JPN F . -17.74 15.93 -0.72
C17 JPN F . -15.33 15.66 -0.27
C22 JPN F . -15.46 16.39 0.90
C21 JPN F . -16.71 16.89 1.24
C20 JPN F . -17.83 16.65 0.46
CL25 JPN F . -19.42 17.32 0.95
O16 JPN F . -14.12 15.14 -0.65
C13 JPN F . -12.96 15.71 -0.22
C14 JPN F . -12.42 16.85 -0.81
C15 JPN F . -11.22 17.36 -0.32
C10 JPN F . -10.52 16.73 0.71
C11 JPN F . -11.02 15.59 1.31
C12 JPN F . -12.21 15.04 0.86
O23 JPN F . -12.72 13.93 1.42
C9 JPN F . -9.23 17.32 1.20
C8 JPN F . -9.60 18.71 1.69
C7 JPN F . -8.63 19.20 2.76
C3 JPN F . -9.29 20.35 3.48
C4 JPN F . -8.59 21.06 4.44
C5 JPN F . -9.20 22.13 5.09
C6 JPN F . -10.51 22.47 4.78
C1 JPN F . -11.21 21.76 3.80
C2 JPN F . -10.59 20.70 3.15
#